data_4NNR
#
_entry.id   4NNR
#
_cell.length_a   74.260
_cell.length_b   74.060
_cell.length_c   39.240
_cell.angle_alpha   90.00
_cell.angle_beta   90.00
_cell.angle_gamma   90.00
#
_symmetry.space_group_name_H-M   'P 21 21 2'
#
loop_
_entity.id
_entity.type
_entity.pdbx_description
1 polymer 'Peptidyl-prolyl cis-trans isomerase FKBP2'
2 non-polymer 8-DEETHYL-8-[BUT-3-ENYL]-ASCOMYCIN
3 water water
#
_entity_poly.entity_id   1
_entity_poly.type   'polypeptide(L)'
_entity_poly.pdbx_seq_one_letter_code
;MRLSWFRVLTVLSICLSAVATATGAEGKRKLQIGVKKRVDHCPIKSRKGDVLHMHYTGKLEDGTEFDSSLPQNQPFVFSL
GTGQVIKGWDQGLLGMCEGEKRKLVIPSELGYGERGAPPKIPGGATLVFEVELLKIERRTEL
;
_entity_poly.pdbx_strand_id   A,B
#
loop_
_chem_comp.id
_chem_comp.type
_chem_comp.name
_chem_comp.formula
FK5 non-polymer 8-DEETHYL-8-[BUT-3-ENYL]-ASCOMYCIN 'C44 H69 N O12'
#
# COMPACT_ATOMS: atom_id res chain seq x y z
N HIS A 41 -21.67 22.43 -12.92
CA HIS A 41 -21.02 21.91 -14.12
C HIS A 41 -19.78 21.05 -13.86
N CYS A 42 -19.86 19.78 -14.26
CA CYS A 42 -18.91 18.76 -13.81
C CYS A 42 -18.85 17.59 -14.79
N PRO A 43 -18.15 17.76 -15.90
CA PRO A 43 -18.09 16.75 -16.99
C PRO A 43 -17.25 15.50 -16.69
N ILE A 44 -16.45 15.58 -15.64
CA ILE A 44 -15.52 14.54 -15.29
C ILE A 44 -15.43 14.59 -13.75
N LYS A 45 -15.41 13.43 -13.12
CA LYS A 45 -15.20 13.43 -11.68
C LYS A 45 -14.27 12.31 -11.32
N SER A 46 -13.58 12.49 -10.20
CA SER A 46 -12.42 11.67 -9.84
C SER A 46 -12.77 10.21 -9.67
N ARG A 47 -11.93 9.36 -10.25
CA ARG A 47 -12.07 7.91 -10.14
C ARG A 47 -10.70 7.30 -9.90
N LYS A 48 -10.65 6.05 -9.46
CA LYS A 48 -9.38 5.44 -9.15
C LYS A 48 -8.47 5.47 -10.36
N GLY A 49 -7.21 5.75 -10.09
CA GLY A 49 -6.21 5.82 -11.13
C GLY A 49 -6.06 7.23 -11.70
N ASP A 50 -6.94 8.16 -11.35
CA ASP A 50 -6.82 9.54 -11.83
C ASP A 50 -5.64 10.25 -11.14
N VAL A 51 -4.98 11.16 -11.83
CA VAL A 51 -3.95 11.97 -11.20
C VAL A 51 -4.65 13.26 -10.79
N LEU A 52 -4.64 13.60 -9.49
CA LEU A 52 -5.33 14.79 -9.02
C LEU A 52 -4.36 15.88 -8.64
N HIS A 53 -4.76 17.11 -8.92
CA HIS A 53 -4.04 18.29 -8.47
C HIS A 53 -4.86 18.96 -7.39
N MET A 54 -4.30 19.07 -6.20
CA MET A 54 -5.07 19.46 -5.04
C MET A 54 -4.36 20.48 -4.19
N HIS A 55 -5.11 21.45 -3.70
CA HIS A 55 -4.64 22.27 -2.58
C HIS A 55 -5.18 21.75 -1.27
N TYR A 56 -4.36 21.79 -0.22
CA TYR A 56 -4.84 21.37 1.09
C TYR A 56 -4.30 22.16 2.24
N THR A 57 -5.04 22.09 3.33
CA THR A 57 -4.63 22.60 4.61
C THR A 57 -4.96 21.54 5.64
N GLY A 58 -3.95 21.11 6.41
CA GLY A 58 -4.14 20.12 7.46
C GLY A 58 -4.08 20.76 8.85
N LYS A 59 -5.03 20.41 9.70
CA LYS A 59 -5.09 20.93 11.05
C LYS A 59 -5.25 19.76 12.00
N LEU A 60 -4.72 19.90 13.20
CA LEU A 60 -5.00 18.97 14.29
C LEU A 60 -6.30 19.37 14.99
N GLU A 61 -6.75 18.51 15.90
CA GLU A 61 -8.01 18.69 16.62
C GLU A 61 -8.11 20.06 17.27
N ASP A 62 -7.02 20.48 17.92
CA ASP A 62 -6.98 21.77 18.61
C ASP A 62 -6.90 22.96 17.65
N GLY A 63 -7.08 22.70 16.36
CA GLY A 63 -7.15 23.75 15.36
C GLY A 63 -5.82 24.25 14.83
N THR A 64 -4.72 23.77 15.38
CA THR A 64 -3.43 24.25 14.95
C THR A 64 -3.05 23.59 13.61
N GLU A 65 -2.60 24.43 12.69
CA GLU A 65 -2.35 24.05 11.31
C GLU A 65 -0.97 23.42 11.22
N PHE A 66 -0.86 22.20 10.68
CA PHE A 66 0.44 21.52 10.59
C PHE A 66 1.07 21.50 9.18
N ASP A 67 0.29 21.81 8.16
CA ASP A 67 0.79 21.82 6.79
C ASP A 67 -0.23 22.41 5.86
N SER A 68 0.26 23.03 4.81
CA SER A 68 -0.62 23.52 3.79
C SER A 68 0.17 23.73 2.54
N SER A 69 -0.50 23.55 1.42
CA SER A 69 0.11 23.81 0.14
C SER A 69 -0.12 25.24 -0.35
N LEU A 70 -0.88 26.06 0.36
CA LEU A 70 -1.27 27.34 -0.22
C LEU A 70 -0.17 28.40 -0.17
N PRO A 71 0.57 28.51 0.95
CA PRO A 71 1.58 29.55 1.08
C PRO A 71 2.60 29.54 -0.05
N GLN A 72 3.17 28.38 -0.36
CA GLN A 72 4.06 28.26 -1.51
C GLN A 72 3.32 28.09 -2.84
N ASN A 73 2.00 28.16 -2.77
CA ASN A 73 1.13 27.97 -3.93
C ASN A 73 1.63 26.88 -4.86
N GLN A 74 1.77 25.70 -4.30
CA GLN A 74 2.21 24.55 -5.06
C GLN A 74 1.28 23.38 -4.81
N PRO A 75 0.34 23.16 -5.74
CA PRO A 75 -0.56 22.02 -5.56
C PRO A 75 0.18 20.67 -5.43
N PHE A 76 -0.45 19.80 -4.67
CA PHE A 76 -0.01 18.43 -4.43
C PHE A 76 -0.62 17.57 -5.53
N VAL A 77 0.18 16.67 -6.09
CA VAL A 77 -0.24 15.86 -7.22
C VAL A 77 -0.06 14.39 -6.89
N PHE A 78 -1.14 13.61 -7.00
CA PHE A 78 -1.06 12.19 -6.66
C PHE A 78 -2.05 11.35 -7.47
N SER A 79 -1.85 10.05 -7.48
CA SER A 79 -2.79 9.16 -8.13
C SER A 79 -3.76 8.61 -7.10
N LEU A 80 -5.06 8.82 -7.34
CA LEU A 80 -6.07 8.35 -6.41
C LEU A 80 -6.17 6.82 -6.37
N GLY A 81 -6.21 6.27 -5.16
CA GLY A 81 -6.60 4.90 -4.98
C GLY A 81 -5.46 3.91 -5.19
N THR A 82 -4.25 4.42 -5.28
CA THR A 82 -3.09 3.58 -5.49
C THR A 82 -2.30 3.38 -4.19
N GLY A 83 -2.75 3.94 -3.08
CA GLY A 83 -2.00 3.77 -1.83
C GLY A 83 -0.81 4.70 -1.68
N GLN A 84 -0.78 5.75 -2.50
CA GLN A 84 0.27 6.75 -2.42
C GLN A 84 0.11 7.63 -1.15
N VAL A 85 -1.13 7.73 -0.68
CA VAL A 85 -1.49 8.62 0.42
C VAL A 85 -2.23 7.84 1.51
N ILE A 86 -2.39 8.47 2.66
CA ILE A 86 -3.08 7.79 3.76
C ILE A 86 -4.48 7.39 3.31
N LYS A 87 -5.05 6.38 3.97
CA LYS A 87 -6.29 5.76 3.54
C LYS A 87 -7.44 6.73 3.53
N GLY A 88 -7.42 7.68 4.46
CA GLY A 88 -8.51 8.63 4.62
C GLY A 88 -8.63 9.56 3.41
N TRP A 89 -7.51 9.77 2.72
CA TRP A 89 -7.53 10.52 1.47
C TRP A 89 -8.06 9.63 0.34
N ASP A 90 -7.50 8.44 0.15
CA ASP A 90 -7.92 7.58 -0.96
C ASP A 90 -9.37 7.24 -0.88
N GLN A 91 -9.92 7.18 0.34
CA GLN A 91 -11.31 6.81 0.50
C GLN A 91 -12.25 8.01 0.48
N GLY A 92 -11.73 9.19 0.79
CA GLY A 92 -12.58 10.38 0.97
C GLY A 92 -12.72 11.28 -0.23
N LEU A 93 -11.99 10.97 -1.30
CA LEU A 93 -11.80 11.86 -2.44
C LEU A 93 -12.35 11.33 -3.78
N LEU A 94 -13.26 10.35 -3.72
CA LEU A 94 -13.90 9.85 -4.94
C LEU A 94 -15.09 10.72 -5.40
N GLY A 95 -15.36 10.71 -6.70
CA GLY A 95 -16.57 11.34 -7.22
C GLY A 95 -16.53 12.85 -7.14
N MET A 96 -15.33 13.41 -7.15
CA MET A 96 -15.12 14.84 -6.94
C MET A 96 -15.04 15.62 -8.25
N CYS A 97 -15.58 16.85 -8.26
CA CYS A 97 -15.56 17.72 -9.46
C CYS A 97 -14.42 18.73 -9.38
N GLU A 98 -13.79 19.17 -10.47
CA GLU A 98 -12.82 20.27 -10.30
C GLU A 98 -13.57 21.40 -9.70
N GLY A 99 -12.94 22.10 -8.77
CA GLY A 99 -13.55 23.26 -8.18
C GLY A 99 -14.21 22.90 -6.88
N GLU A 100 -14.58 21.64 -6.73
CA GLU A 100 -15.18 21.18 -5.47
C GLU A 100 -14.21 21.26 -4.31
N LYS A 101 -14.73 21.62 -3.14
CA LYS A 101 -14.00 21.51 -1.89
C LYS A 101 -14.63 20.45 -0.98
N ARG A 102 -13.79 19.87 -0.13
CA ARG A 102 -14.26 18.91 0.87
C ARG A 102 -13.48 19.11 2.15
N LYS A 103 -14.19 18.88 3.24
CA LYS A 103 -13.60 18.81 4.54
C LYS A 103 -13.50 17.32 4.85
N LEU A 104 -12.29 16.86 5.15
CA LEU A 104 -12.08 15.48 5.57
C LEU A 104 -11.71 15.44 7.04
N VAL A 105 -12.41 14.63 7.82
CA VAL A 105 -12.03 14.41 9.21
C VAL A 105 -11.62 12.97 9.32
N ILE A 106 -10.33 12.78 9.54
CA ILE A 106 -9.69 11.49 9.41
C ILE A 106 -9.23 10.94 10.76
N PRO A 107 -9.84 9.83 11.20
CA PRO A 107 -9.42 9.17 12.45
C PRO A 107 -8.06 8.47 12.27
N SER A 108 -7.32 8.26 13.34
CA SER A 108 -5.92 7.86 13.21
C SER A 108 -5.77 6.50 12.56
N GLU A 109 -6.80 5.67 12.58
CA GLU A 109 -6.69 4.38 11.91
C GLU A 109 -6.68 4.55 10.39
N LEU A 110 -7.08 5.72 9.90
CA LEU A 110 -7.09 5.99 8.46
C LEU A 110 -5.99 7.01 8.15
N GLY A 111 -5.16 7.28 9.13
CA GLY A 111 -4.11 8.29 9.02
C GLY A 111 -2.78 7.68 9.38
N TYR A 112 -2.15 8.13 10.45
CA TYR A 112 -0.82 7.67 10.81
C TYR A 112 -0.78 6.73 12.02
N GLY A 113 -1.95 6.24 12.42
CA GLY A 113 -2.05 5.26 13.50
C GLY A 113 -1.40 5.66 14.81
N GLU A 114 -0.87 4.66 15.52
CA GLU A 114 -0.28 4.87 16.83
C GLU A 114 1.12 5.44 16.85
N ARG A 115 1.87 5.43 15.75
CA ARG A 115 3.20 6.04 15.74
C ARG A 115 3.17 7.49 15.27
N GLY A 116 2.12 7.86 14.57
CA GLY A 116 2.04 9.21 14.08
C GLY A 116 3.10 9.49 13.04
N ALA A 117 3.47 10.76 12.95
CA ALA A 117 4.37 11.26 11.93
C ALA A 117 5.14 12.40 12.56
N PRO A 118 6.05 12.07 13.48
CA PRO A 118 6.79 13.11 14.22
C PRO A 118 7.59 13.95 13.23
N PRO A 119 7.71 15.28 13.45
CA PRO A 119 7.27 16.01 14.64
C PRO A 119 5.87 16.63 14.52
N LYS A 120 5.25 16.56 13.35
CA LYS A 120 4.06 17.38 13.16
C LYS A 120 2.80 16.68 13.61
N ILE A 121 2.84 15.37 13.68
CA ILE A 121 1.63 14.62 13.97
C ILE A 121 1.90 13.62 15.08
N PRO A 122 1.14 13.69 16.18
CA PRO A 122 1.37 12.72 17.25
C PRO A 122 0.72 11.39 16.93
N GLY A 123 1.01 10.35 17.70
CA GLY A 123 0.28 9.09 17.56
C GLY A 123 -1.18 9.29 17.95
N GLY A 124 -2.07 8.46 17.41
CA GLY A 124 -3.46 8.48 17.80
C GLY A 124 -4.26 9.71 17.40
N ALA A 125 -3.68 10.59 16.58
CA ALA A 125 -4.31 11.89 16.27
C ALA A 125 -5.40 11.90 15.18
N THR A 126 -6.47 12.68 15.40
CA THR A 126 -7.46 12.90 14.35
C THR A 126 -7.02 14.10 13.50
N LEU A 127 -7.12 13.95 12.19
CA LEU A 127 -6.64 14.97 11.31
C LEU A 127 -7.83 15.59 10.59
N VAL A 128 -7.79 16.91 10.45
CA VAL A 128 -8.78 17.63 9.67
C VAL A 128 -8.10 18.20 8.43
N PHE A 129 -8.56 17.78 7.24
CA PHE A 129 -8.06 18.38 6.02
C PHE A 129 -9.17 19.13 5.29
N GLU A 130 -8.86 20.35 4.88
CA GLU A 130 -9.66 21.09 3.93
C GLU A 130 -8.96 21.05 2.58
N VAL A 131 -9.66 20.54 1.57
CA VAL A 131 -9.05 20.29 0.29
C VAL A 131 -9.92 20.85 -0.84
N GLU A 132 -9.25 21.18 -1.95
CA GLU A 132 -9.85 21.68 -3.16
C GLU A 132 -9.23 21.01 -4.36
N LEU A 133 -10.04 20.41 -5.24
CA LEU A 133 -9.58 19.81 -6.49
C LEU A 133 -9.41 20.86 -7.60
N LEU A 134 -8.19 21.03 -8.10
CA LEU A 134 -7.89 21.98 -9.17
C LEU A 134 -7.92 21.37 -10.55
N LYS A 135 -7.56 20.11 -10.68
CA LYS A 135 -7.39 19.50 -12.00
C LYS A 135 -7.43 17.99 -11.96
N ILE A 136 -8.07 17.37 -12.97
CA ILE A 136 -8.05 15.91 -13.10
C ILE A 136 -7.27 15.62 -14.37
N GLU A 137 -6.23 14.81 -14.22
CA GLU A 137 -5.37 14.42 -15.31
C GLU A 137 -5.57 12.93 -15.44
N ARG A 138 -6.21 12.52 -16.53
CA ARG A 138 -6.64 11.15 -16.73
C ARG A 138 -6.10 10.63 -18.04
N ARG A 139 -5.47 9.48 -17.99
CA ARG A 139 -4.96 8.88 -19.21
C ARG A 139 -6.13 8.39 -20.03
N THR A 140 -6.34 9.00 -21.19
CA THR A 140 -7.52 8.72 -22.01
C THR A 140 -7.32 7.59 -22.99
N GLU A 141 -6.22 7.57 -23.73
CA GLU A 141 -6.00 6.52 -24.71
C GLU A 141 -5.30 5.31 -24.11
N LEU A 142 -5.27 4.25 -24.90
CA LEU A 142 -4.77 2.96 -24.48
C LEU A 142 -3.24 2.89 -24.54
N CYS B 42 -11.73 -17.36 -10.91
CA CYS B 42 -10.88 -16.33 -11.49
C CYS B 42 -10.27 -16.84 -12.79
N PRO B 43 -10.03 -15.92 -13.75
CA PRO B 43 -9.62 -16.33 -15.10
C PRO B 43 -8.34 -17.16 -15.13
N ILE B 44 -7.47 -16.91 -14.17
CA ILE B 44 -6.14 -17.49 -14.20
C ILE B 44 -5.66 -17.73 -12.78
N LYS B 45 -4.96 -18.85 -12.58
CA LYS B 45 -4.39 -19.21 -11.27
C LYS B 45 -2.90 -19.50 -11.31
N SER B 46 -2.22 -19.15 -10.22
CA SER B 46 -0.75 -19.17 -10.18
C SER B 46 -0.21 -20.56 -10.35
N ARG B 47 0.79 -20.69 -11.20
CA ARG B 47 1.52 -21.94 -11.32
C ARG B 47 3.00 -21.71 -11.59
N LYS B 48 3.77 -22.79 -11.46
CA LYS B 48 5.21 -22.74 -11.67
C LYS B 48 5.52 -22.03 -12.97
N GLY B 49 6.36 -21.01 -12.90
CA GLY B 49 6.79 -20.29 -14.08
C GLY B 49 6.18 -18.91 -14.16
N ASP B 50 5.01 -18.72 -13.54
CA ASP B 50 4.41 -17.41 -13.55
C ASP B 50 5.32 -16.42 -12.82
N VAL B 51 5.27 -15.17 -13.21
CA VAL B 51 5.84 -14.16 -12.32
C VAL B 51 4.69 -13.47 -11.58
N LEU B 52 4.87 -13.35 -10.28
CA LEU B 52 3.82 -12.92 -9.41
C LEU B 52 4.15 -11.56 -8.82
N HIS B 53 3.14 -10.68 -8.74
CA HIS B 53 3.28 -9.39 -8.09
C HIS B 53 2.59 -9.43 -6.77
N MET B 54 3.39 -9.35 -5.72
CA MET B 54 2.91 -9.62 -4.37
C MET B 54 3.22 -8.46 -3.43
N HIS B 55 2.25 -8.16 -2.56
CA HIS B 55 2.53 -7.43 -1.34
C HIS B 55 2.62 -8.42 -0.18
N TYR B 56 3.39 -8.09 0.85
CA TYR B 56 3.61 -9.01 1.95
C TYR B 56 3.98 -8.25 3.18
N THR B 57 3.58 -8.77 4.33
CA THR B 57 4.12 -8.30 5.61
C THR B 57 4.68 -9.54 6.30
N GLY B 58 5.89 -9.44 6.82
CA GLY B 58 6.50 -10.56 7.51
C GLY B 58 6.71 -10.26 8.98
N LYS B 59 6.35 -11.23 9.81
CA LYS B 59 6.40 -11.12 11.26
C LYS B 59 7.13 -12.31 11.88
N LEU B 60 7.82 -12.08 13.01
CA LEU B 60 8.37 -13.18 13.75
C LEU B 60 7.27 -13.72 14.63
N GLU B 61 7.54 -14.86 15.27
CA GLU B 61 6.55 -15.52 16.14
C GLU B 61 6.09 -14.64 17.30
N ASP B 62 7.00 -13.81 17.81
CA ASP B 62 6.70 -12.94 18.93
C ASP B 62 5.88 -11.72 18.51
N GLY B 63 5.52 -11.64 17.23
CA GLY B 63 4.65 -10.56 16.75
C GLY B 63 5.40 -9.36 16.16
N THR B 64 6.72 -9.41 16.23
CA THR B 64 7.59 -8.38 15.63
C THR B 64 7.51 -8.36 14.10
N GLU B 65 7.24 -7.19 13.53
CA GLU B 65 7.21 -7.04 12.10
C GLU B 65 8.66 -6.81 11.65
N PHE B 66 9.22 -7.68 10.80
CA PHE B 66 10.58 -7.47 10.32
C PHE B 66 10.61 -6.89 8.89
N ASP B 67 9.50 -6.91 8.17
CA ASP B 67 9.48 -6.34 6.81
C ASP B 67 8.07 -6.24 6.27
N SER B 68 7.85 -5.27 5.38
CA SER B 68 6.59 -5.15 4.67
C SER B 68 6.83 -4.35 3.41
N SER B 69 6.15 -4.74 2.35
CA SER B 69 6.27 -4.02 1.11
C SER B 69 5.34 -2.81 1.05
N LEU B 70 4.35 -2.80 1.93
CA LEU B 70 3.26 -1.83 1.84
C LEU B 70 3.67 -0.37 2.06
N PRO B 71 4.57 -0.11 3.04
CA PRO B 71 4.88 1.31 3.30
C PRO B 71 5.64 2.03 2.19
N GLN B 72 6.18 1.30 1.22
CA GLN B 72 6.84 1.93 0.08
C GLN B 72 6.08 1.63 -1.20
N ASN B 73 4.96 0.93 -1.06
CA ASN B 73 3.98 0.79 -2.11
C ASN B 73 4.57 0.21 -3.40
N GLN B 74 5.56 -0.65 -3.24
CA GLN B 74 6.22 -1.36 -4.33
C GLN B 74 6.00 -2.85 -4.18
N PRO B 75 5.19 -3.46 -5.04
CA PRO B 75 5.02 -4.88 -4.81
C PRO B 75 6.27 -5.68 -5.20
N PHE B 76 6.40 -6.85 -4.61
CA PHE B 76 7.52 -7.72 -4.82
C PHE B 76 7.24 -8.62 -6.02
N VAL B 77 8.21 -8.72 -6.92
CA VAL B 77 8.02 -9.47 -8.16
C VAL B 77 8.99 -10.63 -8.23
N PHE B 78 8.48 -11.84 -8.48
CA PHE B 78 9.34 -13.01 -8.61
C PHE B 78 8.73 -14.13 -9.45
N SER B 79 9.57 -15.11 -9.82
CA SER B 79 9.13 -16.26 -10.58
C SER B 79 8.80 -17.38 -9.64
N LEU B 80 7.56 -17.83 -9.69
CA LEU B 80 7.12 -18.88 -8.80
C LEU B 80 7.73 -20.17 -9.24
N GLY B 81 8.25 -20.93 -8.29
CA GLY B 81 8.72 -22.27 -8.58
C GLY B 81 10.18 -22.42 -8.97
N THR B 82 10.90 -21.32 -9.14
CA THR B 82 12.24 -21.34 -9.72
C THR B 82 13.38 -21.39 -8.69
N GLY B 83 13.06 -21.41 -7.41
CA GLY B 83 14.08 -21.56 -6.38
C GLY B 83 14.77 -20.28 -5.93
N GLN B 84 14.18 -19.13 -6.26
CA GLN B 84 14.82 -17.86 -5.97
C GLN B 84 14.22 -17.18 -4.73
N VAL B 85 13.17 -17.75 -4.14
CA VAL B 85 12.71 -17.32 -2.82
C VAL B 85 12.77 -18.54 -1.91
N ILE B 86 12.53 -18.35 -0.62
CA ILE B 86 12.57 -19.45 0.37
C ILE B 86 11.50 -20.48 0.02
N LYS B 87 11.76 -21.74 0.35
CA LYS B 87 10.89 -22.87 -0.01
C LYS B 87 9.46 -22.63 0.38
N GLY B 88 9.25 -22.06 1.56
CA GLY B 88 7.90 -21.86 2.08
C GLY B 88 7.04 -21.03 1.14
N TRP B 89 7.67 -20.06 0.47
CA TRP B 89 6.96 -19.26 -0.53
C TRP B 89 6.67 -20.09 -1.77
N ASP B 90 7.69 -20.71 -2.34
CA ASP B 90 7.52 -21.50 -3.58
C ASP B 90 6.46 -22.59 -3.43
N GLN B 91 6.39 -23.21 -2.25
CA GLN B 91 5.47 -24.32 -2.03
C GLN B 91 4.08 -23.89 -1.60
N GLY B 92 3.95 -22.62 -1.19
CA GLY B 92 2.75 -22.15 -0.51
C GLY B 92 1.86 -21.23 -1.31
N LEU B 93 2.32 -20.82 -2.51
CA LEU B 93 1.62 -19.81 -3.29
C LEU B 93 1.11 -20.30 -4.65
N LEU B 94 0.91 -21.61 -4.81
CA LEU B 94 0.27 -22.23 -5.99
C LEU B 94 -1.25 -22.12 -5.96
N GLY B 95 -1.84 -22.05 -7.14
CA GLY B 95 -3.30 -22.04 -7.28
C GLY B 95 -4.01 -20.80 -6.77
N MET B 96 -3.27 -19.71 -6.71
CA MET B 96 -3.74 -18.47 -6.14
C MET B 96 -4.39 -17.59 -7.22
N CYS B 97 -5.49 -16.92 -6.85
CA CYS B 97 -6.21 -16.02 -7.73
C CYS B 97 -5.74 -14.60 -7.52
N GLU B 98 -5.77 -13.77 -8.58
CA GLU B 98 -5.43 -12.35 -8.45
C GLU B 98 -6.41 -11.79 -7.42
N GLY B 99 -5.90 -11.11 -6.41
CA GLY B 99 -6.74 -10.56 -5.36
C GLY B 99 -6.89 -11.41 -4.11
N GLU B 100 -6.38 -12.63 -4.16
CA GLU B 100 -6.39 -13.56 -3.02
C GLU B 100 -5.37 -13.21 -1.94
N LYS B 101 -5.76 -13.39 -0.68
CA LYS B 101 -4.86 -13.27 0.46
C LYS B 101 -4.64 -14.61 1.11
N ARG B 102 -3.38 -14.91 1.44
CA ARG B 102 -3.01 -16.07 2.25
C ARG B 102 -2.17 -15.68 3.44
N LYS B 103 -2.24 -16.52 4.47
CA LYS B 103 -1.32 -16.43 5.60
C LYS B 103 -0.40 -17.61 5.52
N LEU B 104 0.91 -17.38 5.47
CA LEU B 104 1.88 -18.49 5.46
C LEU B 104 2.61 -18.50 6.78
N VAL B 105 2.64 -19.66 7.42
CA VAL B 105 3.44 -19.85 8.61
C VAL B 105 4.56 -20.83 8.24
N ILE B 106 5.79 -20.33 8.23
CA ILE B 106 6.92 -21.04 7.67
C ILE B 106 7.93 -21.49 8.73
N PRO B 107 8.09 -22.81 8.92
CA PRO B 107 9.10 -23.25 9.89
C PRO B 107 10.49 -23.05 9.35
N SER B 108 11.48 -23.02 10.23
CA SER B 108 12.84 -22.61 9.82
C SER B 108 13.42 -23.46 8.72
N GLU B 109 13.05 -24.72 8.64
CA GLU B 109 13.62 -25.57 7.60
C GLU B 109 13.04 -25.23 6.21
N LEU B 110 11.95 -24.47 6.16
CA LEU B 110 11.41 -24.02 4.88
C LEU B 110 11.67 -22.54 4.68
N GLY B 111 12.35 -21.95 5.64
CA GLY B 111 12.69 -20.54 5.61
C GLY B 111 14.20 -20.38 5.51
N TYR B 112 14.78 -19.73 6.51
CA TYR B 112 16.21 -19.42 6.51
C TYR B 112 17.03 -20.38 7.39
N GLY B 113 16.40 -21.40 7.97
CA GLY B 113 17.12 -22.46 8.65
C GLY B 113 17.93 -21.94 9.84
N GLU B 114 19.00 -22.66 10.17
CA GLU B 114 19.80 -22.32 11.35
C GLU B 114 20.63 -21.07 11.17
N ARG B 115 20.98 -20.75 9.93
CA ARG B 115 21.81 -19.58 9.69
C ARG B 115 21.07 -18.26 9.78
N GLY B 116 19.76 -18.28 9.57
CA GLY B 116 19.00 -17.03 9.55
C GLY B 116 19.39 -16.06 8.43
N ALA B 117 18.96 -14.82 8.61
CA ALA B 117 19.21 -13.72 7.70
C ALA B 117 19.40 -12.48 8.56
N PRO B 118 20.56 -12.39 9.22
CA PRO B 118 20.78 -11.21 10.06
C PRO B 118 20.87 -9.95 9.19
N PRO B 119 20.44 -8.79 9.72
CA PRO B 119 19.97 -8.59 11.10
C PRO B 119 18.47 -8.81 11.33
N LYS B 120 17.74 -9.21 10.30
CA LYS B 120 16.28 -9.28 10.41
C LYS B 120 15.78 -10.54 11.07
N ILE B 121 16.36 -11.69 10.71
CA ILE B 121 15.78 -12.99 11.06
C ILE B 121 16.79 -13.89 11.77
N PRO B 122 16.45 -14.34 12.97
CA PRO B 122 17.43 -15.21 13.65
C PRO B 122 17.41 -16.64 13.16
N GLY B 123 18.48 -17.37 13.47
CA GLY B 123 18.49 -18.81 13.27
C GLY B 123 17.29 -19.44 13.92
N GLY B 124 16.75 -20.48 13.29
CA GLY B 124 15.66 -21.25 13.85
C GLY B 124 14.26 -20.63 13.90
N ALA B 125 14.09 -19.41 13.41
CA ALA B 125 12.81 -18.69 13.52
C ALA B 125 11.71 -19.24 12.64
N THR B 126 10.51 -19.31 13.20
CA THR B 126 9.32 -19.54 12.42
C THR B 126 8.87 -18.18 11.90
N LEU B 127 8.40 -18.15 10.66
CA LEU B 127 8.03 -16.92 10.01
C LEU B 127 6.55 -16.88 9.69
N VAL B 128 5.93 -15.73 9.89
CA VAL B 128 4.55 -15.53 9.48
C VAL B 128 4.44 -14.48 8.39
N PHE B 129 3.96 -14.86 7.22
CA PHE B 129 3.74 -13.88 6.16
C PHE B 129 2.26 -13.72 5.87
N GLU B 130 1.85 -12.46 5.71
CA GLU B 130 0.56 -12.15 5.12
C GLU B 130 0.80 -11.60 3.76
N VAL B 131 0.20 -12.25 2.79
CA VAL B 131 0.50 -12.07 1.39
C VAL B 131 -0.76 -11.77 0.60
N GLU B 132 -0.64 -10.89 -0.38
CA GLU B 132 -1.77 -10.58 -1.26
C GLU B 132 -1.24 -10.60 -2.69
N LEU B 133 -1.94 -11.30 -3.57
CA LEU B 133 -1.49 -11.42 -4.95
C LEU B 133 -2.10 -10.28 -5.79
N LEU B 134 -1.27 -9.40 -6.33
CA LEU B 134 -1.74 -8.25 -7.10
C LEU B 134 -1.87 -8.53 -8.59
N LYS B 135 -1.04 -9.41 -9.13
CA LYS B 135 -0.98 -9.65 -10.58
C LYS B 135 -0.17 -10.89 -10.94
N ILE B 136 -0.59 -11.54 -12.02
CA ILE B 136 0.06 -12.73 -12.53
C ILE B 136 0.49 -12.39 -13.91
N GLU B 137 1.78 -12.47 -14.16
CA GLU B 137 2.32 -12.32 -15.50
C GLU B 137 2.64 -13.70 -15.99
N ARG B 138 1.90 -14.14 -17.01
CA ARG B 138 2.12 -15.47 -17.56
C ARG B 138 2.55 -15.38 -18.99
N ARG B 139 3.61 -16.10 -19.34
CA ARG B 139 4.11 -16.12 -20.70
C ARG B 139 3.17 -16.93 -21.59
N THR B 140 2.76 -16.36 -22.72
CA THR B 140 1.85 -17.05 -23.64
C THR B 140 2.50 -17.30 -25.01
N GLU B 141 3.57 -16.57 -25.28
CA GLU B 141 4.28 -16.70 -26.55
C GLU B 141 5.76 -16.78 -26.30
N LEU B 142 6.50 -17.16 -27.33
CA LEU B 142 7.95 -17.26 -27.30
C LEU B 142 8.61 -15.89 -27.08
C1 FK5 C . -0.04 11.99 2.84
C2 FK5 C . -0.91 13.09 3.37
C3 FK5 C . -2.05 13.32 2.40
C4 FK5 C . -1.62 14.05 1.16
C5 FK5 C . -0.92 15.36 1.48
C6 FK5 C . 0.21 15.18 2.48
C8 FK5 C . -0.02 14.76 4.89
C9 FK5 C . 0.58 15.97 5.14
C10 FK5 C . 2.08 16.10 5.33
C11 FK5 C . 2.66 14.93 6.11
C12 FK5 C . 4.20 15.00 6.02
C13 FK5 C . 4.62 15.08 4.57
C14 FK5 C . 4.04 16.35 3.98
C15 FK5 C . 4.45 16.69 2.54
C16 FK5 C . 4.37 15.53 1.53
C17 FK5 C . 4.67 15.99 0.10
C18 FK5 C . 6.18 15.93 -0.23
C19 FK5 C . 6.61 14.49 -0.49
C20 FK5 C . 7.21 13.72 0.59
C21 FK5 C . 7.50 12.24 0.51
C22 FK5 C . 6.25 11.52 0.88
C23 FK5 C . 5.27 11.02 -0.13
C24 FK5 C . 4.03 10.53 0.60
C25 FK5 C . 3.14 11.61 1.27
C26 FK5 C . 1.92 11.05 2.03
C27 FK5 C . 2.42 10.15 3.11
C28 FK5 C . 2.10 8.74 3.08
C29 FK5 C . 2.68 7.79 4.09
C30 FK5 C . 1.54 7.00 4.75
C31 FK5 C . 2.11 5.94 5.67
C32 FK5 C . 2.91 4.96 4.80
C33 FK5 C . 4.10 5.70 4.19
C34 FK5 C . 3.67 6.90 3.35
C35 FK5 C . 2.22 14.90 7.56
C36 FK5 C . 4.13 17.40 -0.14
C37 FK5 C . 6.41 13.92 -1.86
C38 FK5 C . 8.51 11.83 1.58
C39 FK5 C . 9.90 12.29 1.22
C40 FK5 C . 10.90 11.31 0.80
C41 FK5 C . 2.63 12.70 0.33
C42 FK5 C . 3.26 10.73 4.20
C43 FK5 C . 6.46 13.74 4.89
C44 FK5 C . 5.81 18.60 2.79
C45 FK5 C . 0.05 4.80 5.66
N7 FK5 C . -0.21 14.36 3.63
O1 FK5 C . 1.20 12.12 2.63
O2 FK5 C . -0.68 10.79 2.58
O3 FK5 C . -0.47 14.03 5.99
O4 FK5 C . -0.22 17.08 5.18
O5 FK5 C . 2.63 16.19 4.02
O6 FK5 C . 2.38 17.33 6.04
O7 FK5 C . 6.02 15.02 4.46
O8 FK5 C . 5.77 17.21 2.57
O9 FK5 C . 6.00 11.27 2.24
O10 FK5 C . 3.36 9.89 -0.46
O11 FK5 C . 1.09 5.35 6.46
O12 FK5 C . 3.41 3.86 5.52
C1 FK5 D . 12.75 -14.13 0.33
C2 FK5 D . 11.53 -13.87 1.20
C3 FK5 D . 10.27 -14.16 0.41
C4 FK5 D . 9.96 -13.09 -0.63
C5 FK5 D . 9.94 -11.70 -0.03
C6 FK5 D . 11.21 -11.38 0.74
C8 FK5 D . 11.77 -12.18 2.97
C9 FK5 D . 11.77 -10.88 3.43
C10 FK5 D . 12.99 -9.98 3.49
C11 FK5 D . 14.27 -10.76 3.81
C12 FK5 D . 15.51 -9.91 3.50
C13 FK5 D . 15.37 -9.23 2.14
C14 FK5 D . 14.08 -8.40 2.08
C15 FK5 D . 13.77 -7.73 0.72
C16 FK5 D . 13.90 -8.66 -0.49
C17 FK5 D . 13.48 -8.00 -1.82
C18 FK5 D . 14.57 -7.09 -2.40
C19 FK5 D . 15.63 -7.91 -3.08
C20 FK5 D . 16.88 -8.22 -2.38
C21 FK5 D . 17.85 -9.23 -2.94
C22 FK5 D . 17.57 -10.61 -2.44
C23 FK5 D . 16.78 -11.54 -3.29
C24 FK5 D . 16.32 -12.76 -2.51
C25 FK5 D . 15.14 -12.43 -1.59
C26 FK5 D . 14.71 -13.63 -0.70
C27 FK5 D . 15.88 -14.12 0.10
C28 FK5 D . 16.36 -15.49 -0.12
C29 FK5 D . 17.57 -16.09 0.57
C30 FK5 D . 17.21 -17.52 0.96
C31 FK5 D . 18.41 -18.33 1.48
C32 FK5 D . 19.53 -18.31 0.48
C33 FK5 D . 19.93 -16.87 0.23
C34 FK5 D . 18.77 -16.10 -0.38
C35 FK5 D . 14.22 -11.15 5.29
C36 FK5 D . 12.20 -7.18 -1.73
C37 FK5 D . 15.43 -8.43 -4.48
C38 FK5 D . 19.29 -8.94 -2.52
C39 FK5 D . 19.79 -7.60 -3.01
C40 FK5 D . 20.41 -6.69 -2.05
C41 FK5 D . 13.98 -11.98 -2.45
C42 FK5 D . 16.56 -13.19 1.08
C43 FK5 D . 17.72 -9.11 1.79
C44 FK5 D . 14.02 -5.49 1.25
C45 FK5 D . 17.35 -19.73 2.98
N7 FK5 D . 11.52 -12.48 1.69
O1 FK5 D . 13.63 -13.27 0.15
O2 FK5 D . 12.89 -15.37 -0.31
O3 FK5 D . 11.99 -13.16 3.92
O4 FK5 D . 10.57 -10.36 3.87
O5 FK5 D . 13.05 -9.32 2.27
O6 FK5 D . 12.77 -9.02 4.54
O7 FK5 D . 16.48 -8.42 1.86
O8 FK5 D . 14.59 -6.59 0.56
O9 FK5 D . 18.08 -11.04 -1.20
O10 FK5 D . 15.87 -13.63 -3.52
O11 FK5 D . 18.03 -19.67 1.76
O12 FK5 D . 20.58 -19.14 0.94
#